data_3P8L
#
_entry.id   3P8L
#
_cell.length_a   53.860
_cell.length_b   100.529
_cell.length_c   122.660
_cell.angle_alpha   90.00
_cell.angle_beta   90.00
_cell.angle_gamma   90.00
#
_symmetry.space_group_name_H-M   'P 21 21 21'
#
loop_
_entity.id
_entity.type
_entity.pdbx_description
1 polymer Geranyltranstransferase
2 water water
#
_entity_poly.entity_id   1
_entity_poly.type   'polypeptide(L)'
_entity_poly.pdbx_seq_one_letter_code
;MAHHHHHHSLTNFSQQHLPLVEKVMVDFIAEYTENERLKEAMLYSIHAGGKRLRPLLVLTTVAAFQKEMETQDYQVAASL
EMIHTYSLIHDDLPAMDDDDLRRGKPTNHKVFGEATAILAGDGLLTGAFQLLSLSQLGLSEKVLLMQQLAKAAGNQGMVS
GQMGDIEGEKVSLTLEELAAVHEKKTGALIEFALIAGGVLANQTEEVIGLLTQFAHHYGLAFQIRDDLLDATSTEADLGK
KVGRDEALNKSTYPALLGIAGAKDALTHQLAEGSAVLEKIKANVPNFSEEHLANLLTQLQLR
;
_entity_poly.pdbx_strand_id   A,B
#
# COMPACT_ATOMS: atom_id res chain seq x y z
N HIS A 3 -20.57 -14.31 -25.73
CA HIS A 3 -19.44 -13.35 -25.88
C HIS A 3 -19.76 -11.99 -25.23
N HIS A 4 -18.87 -11.02 -25.40
CA HIS A 4 -19.16 -9.60 -25.08
C HIS A 4 -18.95 -8.71 -26.31
N HIS A 5 -19.82 -7.72 -26.48
CA HIS A 5 -19.63 -6.71 -27.53
C HIS A 5 -20.23 -5.36 -27.16
N HIS A 6 -19.42 -4.32 -27.35
CA HIS A 6 -19.83 -2.93 -27.35
C HIS A 6 -18.73 -2.20 -28.10
N HIS A 7 -19.09 -1.48 -29.16
CA HIS A 7 -18.11 -0.68 -29.88
C HIS A 7 -18.02 0.72 -29.24
N HIS A 8 -16.81 1.09 -28.84
CA HIS A 8 -16.56 2.41 -28.28
C HIS A 8 -16.04 3.33 -29.37
N SER A 9 -16.70 4.46 -29.57
CA SER A 9 -16.15 5.50 -30.42
C SER A 9 -14.91 6.14 -29.76
N LEU A 10 -14.05 6.71 -30.60
CA LEU A 10 -12.85 7.42 -30.16
C LEU A 10 -13.18 8.83 -29.69
N THR A 11 -14.32 9.36 -30.16
CA THR A 11 -14.67 10.76 -29.99
C THR A 11 -15.01 11.05 -28.53
N ASN A 12 -14.14 11.86 -27.91
CA ASN A 12 -14.32 12.27 -26.53
C ASN A 12 -14.41 11.10 -25.55
N PHE A 13 -13.61 10.07 -25.83
CA PHE A 13 -13.60 8.86 -25.03
C PHE A 13 -13.11 9.17 -23.62
N SER A 14 -12.00 9.92 -23.51
CA SER A 14 -11.44 10.21 -22.20
C SER A 14 -12.37 11.08 -21.34
N GLN A 15 -13.03 12.06 -21.95
CA GLN A 15 -13.94 12.91 -21.17
C GLN A 15 -15.27 12.23 -20.80
N GLN A 16 -15.60 11.16 -21.50
CA GLN A 16 -16.75 10.32 -21.14
C GLN A 16 -16.44 9.47 -19.91
N HIS A 17 -15.22 8.96 -19.84
CA HIS A 17 -14.92 7.94 -18.85
C HIS A 17 -14.07 8.37 -17.64
N LEU A 18 -13.07 9.22 -17.87
CA LEU A 18 -12.24 9.73 -16.75
C LEU A 18 -12.98 10.36 -15.57
N PRO A 19 -14.04 11.18 -15.81
CA PRO A 19 -14.83 11.64 -14.64
C PRO A 19 -15.44 10.56 -13.74
N LEU A 20 -15.70 9.38 -14.30
CA LEU A 20 -16.22 8.29 -13.48
C LEU A 20 -15.10 7.67 -12.63
N VAL A 21 -13.87 7.70 -13.15
CA VAL A 21 -12.73 7.24 -12.38
C VAL A 21 -12.51 8.22 -11.21
N GLU A 22 -12.52 9.53 -11.50
CA GLU A 22 -12.38 10.53 -10.45
C GLU A 22 -13.49 10.37 -9.39
N LYS A 23 -14.72 10.15 -9.84
CA LYS A 23 -15.84 9.92 -8.91
C LYS A 23 -15.62 8.72 -7.97
N VAL A 24 -15.19 7.58 -8.51
CA VAL A 24 -14.85 6.41 -7.66
C VAL A 24 -13.80 6.78 -6.59
N MET A 25 -12.75 7.48 -7.02
CA MET A 25 -11.64 7.88 -6.17
C MET A 25 -12.14 8.79 -5.05
N VAL A 26 -12.85 9.85 -5.45
CA VAL A 26 -13.34 10.86 -4.51
C VAL A 26 -14.33 10.26 -3.51
N ASP A 27 -15.30 9.47 -4.00
CA ASP A 27 -16.28 8.83 -3.14
C ASP A 27 -15.59 7.89 -2.18
N PHE A 28 -14.61 7.12 -2.68
CA PHE A 28 -13.90 6.17 -1.84
C PHE A 28 -13.15 6.86 -0.71
N ILE A 29 -12.48 7.98 -1.02
CA ILE A 29 -11.72 8.72 -0.02
CA ILE A 29 -11.72 8.74 -0.04
C ILE A 29 -12.67 9.38 1.00
N ALA A 30 -13.76 9.98 0.52
CA ALA A 30 -14.73 10.66 1.41
C ALA A 30 -15.43 9.67 2.34
N GLU A 31 -15.73 8.48 1.84
CA GLU A 31 -16.49 7.51 2.62
C GLU A 31 -15.63 6.62 3.53
N TYR A 32 -14.38 6.30 3.15
CA TYR A 32 -13.58 5.35 3.92
C TYR A 32 -12.39 6.03 4.61
N THR A 33 -12.55 7.31 4.95
CA THR A 33 -11.53 8.01 5.72
C THR A 33 -12.15 8.61 7.00
N GLU A 34 -11.62 8.19 8.15
CA GLU A 34 -12.12 8.68 9.45
C GLU A 34 -11.71 10.13 9.73
N ASN A 35 -10.43 10.43 9.54
CA ASN A 35 -9.89 11.73 9.91
C ASN A 35 -10.15 12.75 8.79
N GLU A 36 -10.84 13.83 9.13
CA GLU A 36 -11.23 14.87 8.15
C GLU A 36 -10.04 15.57 7.49
N ARG A 37 -9.00 15.85 8.25
CA ARG A 37 -7.81 16.52 7.70
C ARG A 37 -7.06 15.64 6.70
N LEU A 38 -6.87 14.36 7.07
CA LEU A 38 -6.26 13.38 6.20
C LEU A 38 -7.05 13.26 4.90
N LYS A 39 -8.36 13.11 5.02
CA LYS A 39 -9.31 13.11 3.91
C LYS A 39 -9.13 14.32 2.97
N GLU A 40 -9.10 15.52 3.55
CA GLU A 40 -8.95 16.74 2.74
C GLU A 40 -7.60 16.84 2.03
N ALA A 41 -6.57 16.36 2.69
CA ALA A 41 -5.25 16.41 2.10
C ALA A 41 -5.13 15.44 0.91
N MET A 42 -5.71 14.25 1.06
CA MET A 42 -5.77 13.28 -0.04
C MET A 42 -6.61 13.83 -1.19
N LEU A 43 -7.79 14.38 -0.87
CA LEU A 43 -8.66 14.97 -1.90
C LEU A 43 -7.99 16.15 -2.58
N TYR A 44 -7.18 16.93 -1.84
CA TYR A 44 -6.46 18.02 -2.47
C TYR A 44 -5.62 17.54 -3.65
N SER A 45 -4.83 16.49 -3.41
CA SER A 45 -3.90 16.00 -4.42
C SER A 45 -4.60 15.30 -5.58
N ILE A 46 -5.75 14.68 -5.31
CA ILE A 46 -6.61 14.13 -6.37
C ILE A 46 -7.19 15.27 -7.24
N HIS A 47 -7.78 16.27 -6.62
CA HIS A 47 -8.45 17.36 -7.30
C HIS A 47 -7.54 18.34 -8.02
N ALA A 48 -6.27 18.28 -7.74
CA ALA A 48 -5.29 19.12 -8.45
C ALA A 48 -5.16 18.65 -9.91
N GLY A 49 -5.73 17.48 -10.19
CA GLY A 49 -5.83 16.95 -11.54
C GLY A 49 -4.52 16.34 -12.02
N GLY A 50 -4.48 16.02 -13.30
CA GLY A 50 -3.32 15.40 -13.94
C GLY A 50 -3.83 14.88 -15.27
N LYS A 51 -2.94 14.29 -16.05
CA LYS A 51 -3.36 13.72 -17.35
C LYS A 51 -4.18 12.45 -17.21
N ARG A 52 -4.12 11.80 -16.03
CA ARG A 52 -4.84 10.55 -15.73
C ARG A 52 -4.50 9.45 -16.73
N LEU A 53 -3.24 9.46 -17.14
CA LEU A 53 -2.73 8.56 -18.16
C LEU A 53 -2.93 7.10 -17.81
N ARG A 54 -2.67 6.74 -16.56
CA ARG A 54 -2.74 5.34 -16.14
C ARG A 54 -4.17 4.72 -16.15
N PRO A 55 -5.14 5.36 -15.47
CA PRO A 55 -6.53 4.90 -15.62
C PRO A 55 -7.04 5.00 -17.07
N LEU A 56 -6.60 6.02 -17.81
CA LEU A 56 -6.93 6.13 -19.23
C LEU A 56 -6.47 4.90 -20.01
N LEU A 57 -5.25 4.44 -19.74
CA LEU A 57 -4.74 3.20 -20.37
C LEU A 57 -5.57 1.96 -20.04
N VAL A 58 -5.93 1.78 -18.76
CA VAL A 58 -6.79 0.68 -18.33
C VAL A 58 -8.07 0.64 -19.18
N LEU A 59 -8.76 1.76 -19.22
CA LEU A 59 -10.08 1.87 -19.87
C LEU A 59 -10.00 1.80 -21.40
N THR A 60 -8.95 2.38 -21.97
CA THR A 60 -8.75 2.33 -23.40
C THR A 60 -8.51 0.88 -23.84
N THR A 61 -7.82 0.11 -23.00
CA THR A 61 -7.47 -1.27 -23.31
C THR A 61 -8.75 -2.12 -23.30
N VAL A 62 -9.62 -1.89 -22.32
CA VAL A 62 -10.92 -2.53 -22.25
C VAL A 62 -11.78 -2.17 -23.49
N ALA A 63 -11.70 -0.90 -23.91
CA ALA A 63 -12.41 -0.42 -25.11
C ALA A 63 -11.92 -1.11 -26.38
N ALA A 64 -10.60 -1.23 -26.52
CA ALA A 64 -9.97 -1.96 -27.61
C ALA A 64 -10.49 -3.39 -27.82
N PHE A 65 -10.85 -4.08 -26.73
CA PHE A 65 -11.41 -5.44 -26.81
C PHE A 65 -12.94 -5.48 -26.81
N GLN A 66 -13.54 -4.32 -27.07
CA GLN A 66 -14.96 -4.15 -27.33
C GLN A 66 -15.85 -4.65 -26.20
N LYS A 67 -15.42 -4.41 -24.97
CA LYS A 67 -16.20 -4.75 -23.79
C LYS A 67 -16.88 -3.50 -23.27
N GLU A 68 -18.13 -3.60 -22.85
CA GLU A 68 -18.80 -2.46 -22.24
C GLU A 68 -18.23 -2.23 -20.85
N MET A 69 -17.97 -0.97 -20.51
CA MET A 69 -17.43 -0.57 -19.21
C MET A 69 -18.36 -0.95 -18.08
N GLU A 70 -17.79 -1.54 -17.04
CA GLU A 70 -18.54 -1.84 -15.82
C GLU A 70 -17.83 -1.21 -14.64
N THR A 71 -18.56 -1.08 -13.52
CA THR A 71 -18.06 -0.63 -12.22
C THR A 71 -16.61 -1.04 -11.89
N GLN A 72 -16.31 -2.33 -11.98
CA GLN A 72 -14.99 -2.87 -11.63
C GLN A 72 -13.84 -2.36 -12.50
N ASP A 73 -14.15 -1.98 -13.73
CA ASP A 73 -13.15 -1.36 -14.61
C ASP A 73 -12.76 0.01 -14.06
N TYR A 74 -13.76 0.80 -13.67
CA TYR A 74 -13.52 2.11 -13.06
C TYR A 74 -12.85 1.98 -11.70
N GLN A 75 -13.19 0.95 -10.94
CA GLN A 75 -12.58 0.66 -9.66
C GLN A 75 -11.10 0.34 -9.79
N VAL A 76 -10.75 -0.53 -10.76
CA VAL A 76 -9.35 -0.85 -11.04
C VAL A 76 -8.58 0.38 -11.51
N ALA A 77 -9.20 1.19 -12.38
CA ALA A 77 -8.60 2.41 -12.90
C ALA A 77 -8.31 3.38 -11.75
N ALA A 78 -9.25 3.48 -10.81
CA ALA A 78 -9.17 4.37 -9.66
C ALA A 78 -8.07 3.96 -8.67
N SER A 79 -7.99 2.66 -8.39
CA SER A 79 -6.94 2.09 -7.54
CA SER A 79 -6.94 2.07 -7.55
C SER A 79 -5.55 2.41 -8.09
N LEU A 80 -5.35 2.21 -9.39
CA LEU A 80 -4.08 2.55 -10.03
C LEU A 80 -3.74 4.05 -9.95
N GLU A 81 -4.74 4.90 -10.21
CA GLU A 81 -4.53 6.33 -10.12
C GLU A 81 -4.25 6.81 -8.67
N MET A 82 -4.78 6.09 -7.68
CA MET A 82 -4.48 6.29 -6.26
C MET A 82 -3.01 6.02 -5.94
N ILE A 83 -2.47 4.93 -6.50
CA ILE A 83 -1.06 4.58 -6.38
C ILE A 83 -0.21 5.70 -6.99
N HIS A 84 -0.54 6.07 -8.23
CA HIS A 84 0.13 7.15 -8.91
C HIS A 84 0.15 8.48 -8.09
N THR A 85 -1.02 8.88 -7.58
CA THR A 85 -1.19 10.09 -6.76
C THR A 85 -0.35 10.01 -5.48
N TYR A 86 -0.37 8.85 -4.81
CA TYR A 86 0.46 8.66 -3.62
C TYR A 86 1.92 8.88 -3.99
N SER A 87 2.39 8.28 -5.11
CA SER A 87 3.82 8.31 -5.39
C SER A 87 4.29 9.77 -5.62
N LEU A 88 3.41 10.58 -6.21
CA LEU A 88 3.69 12.00 -6.46
C LEU A 88 3.81 12.82 -5.16
N ILE A 89 2.88 12.59 -4.23
CA ILE A 89 2.94 13.22 -2.91
C ILE A 89 4.30 12.96 -2.21
N HIS A 90 4.71 11.70 -2.21
CA HIS A 90 6.00 11.35 -1.63
C HIS A 90 7.17 11.88 -2.45
N ASP A 91 7.07 11.79 -3.76
CA ASP A 91 8.16 12.28 -4.60
C ASP A 91 8.40 13.78 -4.46
N ASP A 92 7.32 14.52 -4.21
CA ASP A 92 7.38 15.96 -4.04
C ASP A 92 8.09 16.44 -2.77
N LEU A 93 8.14 15.62 -1.73
CA LEU A 93 8.69 15.98 -0.42
C LEU A 93 10.11 16.58 -0.47
N PRO A 94 10.43 17.54 0.45
CA PRO A 94 11.79 18.11 0.43
C PRO A 94 12.91 17.05 0.44
N ALA A 95 12.68 15.91 1.11
CA ALA A 95 13.67 14.83 1.14
C ALA A 95 13.88 14.13 -0.21
N MET A 96 12.89 14.24 -1.10
CA MET A 96 12.98 13.61 -2.41
C MET A 96 13.17 14.70 -3.48
N ASP A 97 12.18 14.93 -4.35
CA ASP A 97 12.31 15.92 -5.45
C ASP A 97 12.22 17.38 -5.00
N ASP A 98 11.65 17.64 -3.82
CA ASP A 98 11.57 18.99 -3.26
C ASP A 98 10.82 19.99 -4.16
N ASP A 99 9.58 19.67 -4.50
CA ASP A 99 8.84 20.56 -5.41
C ASP A 99 7.87 21.41 -4.63
N ASP A 100 7.82 22.71 -4.94
CA ASP A 100 6.87 23.61 -4.28
C ASP A 100 5.57 23.64 -5.05
N LEU A 101 5.67 23.31 -6.33
CA LEU A 101 4.54 23.38 -7.24
C LEU A 101 4.43 22.11 -8.09
N ARG A 102 3.19 21.78 -8.41
CA ARG A 102 2.85 20.68 -9.30
C ARG A 102 1.60 21.18 -9.97
N ARG A 103 1.63 21.27 -11.30
CA ARG A 103 0.44 21.65 -12.08
C ARG A 103 0.00 23.09 -11.76
N GLY A 104 0.99 23.97 -11.60
CA GLY A 104 0.76 25.38 -11.22
C GLY A 104 0.14 25.62 -9.84
N LYS A 105 0.02 24.56 -9.04
CA LYS A 105 -0.58 24.63 -7.71
CA LYS A 105 -0.59 24.61 -7.71
C LYS A 105 0.43 24.16 -6.65
N PRO A 106 0.32 24.66 -5.39
CA PRO A 106 1.27 24.16 -4.39
C PRO A 106 1.13 22.67 -4.13
N THR A 107 2.25 22.05 -3.81
CA THR A 107 2.32 20.62 -3.56
C THR A 107 1.71 20.34 -2.21
N ASN A 108 1.37 19.07 -1.98
CA ASN A 108 0.69 18.66 -0.76
C ASN A 108 1.37 19.12 0.55
N HIS A 109 2.69 18.92 0.67
CA HIS A 109 3.43 19.36 1.87
C HIS A 109 3.47 20.87 2.07
N LYS A 110 3.39 21.63 0.97
CA LYS A 110 3.34 23.10 1.03
C LYS A 110 2.00 23.56 1.53
N VAL A 111 0.96 22.78 1.26
CA VAL A 111 -0.33 23.14 1.80
C VAL A 111 -0.49 22.70 3.26
N PHE A 112 -0.19 21.42 3.56
CA PHE A 112 -0.64 20.80 4.79
C PHE A 112 0.47 20.48 5.79
N GLY A 113 1.71 20.73 5.38
CA GLY A 113 2.88 20.35 6.14
C GLY A 113 3.32 18.95 5.74
N GLU A 114 4.56 18.62 6.07
CA GLU A 114 5.18 17.36 5.66
C GLU A 114 4.59 16.11 6.30
N ALA A 115 4.23 16.20 7.57
CA ALA A 115 3.65 15.04 8.27
C ALA A 115 2.32 14.62 7.64
N THR A 116 1.47 15.59 7.33
CA THR A 116 0.17 15.33 6.68
C THR A 116 0.33 14.72 5.27
N ALA A 117 1.33 15.19 4.53
CA ALA A 117 1.64 14.72 3.17
C ALA A 117 2.18 13.30 3.20
N ILE A 118 3.09 13.01 4.13
CA ILE A 118 3.58 11.65 4.33
C ILE A 118 2.39 10.70 4.62
N LEU A 119 1.49 11.10 5.53
CA LEU A 119 0.32 10.26 5.85
C LEU A 119 -0.69 10.20 4.73
N ALA A 120 -0.90 11.31 4.00
CA ALA A 120 -1.79 11.26 2.82
C ALA A 120 -1.32 10.27 1.75
N GLY A 121 -0.01 10.26 1.51
CA GLY A 121 0.59 9.24 0.62
C GLY A 121 0.39 7.81 1.14
N ASP A 122 0.67 7.60 2.43
CA ASP A 122 0.45 6.31 3.07
C ASP A 122 -1.01 5.84 2.97
N GLY A 123 -1.92 6.81 3.11
CA GLY A 123 -3.35 6.56 3.11
C GLY A 123 -3.84 6.24 1.70
N LEU A 124 -3.29 6.95 0.72
CA LEU A 124 -3.62 6.68 -0.66
C LEU A 124 -3.08 5.34 -1.13
N LEU A 125 -1.83 5.03 -0.79
CA LEU A 125 -1.24 3.71 -1.03
C LEU A 125 -2.10 2.58 -0.44
N THR A 126 -2.44 2.64 0.86
CA THR A 126 -3.25 1.61 1.51
C THR A 126 -4.66 1.59 0.91
N GLY A 127 -5.16 2.78 0.59
CA GLY A 127 -6.48 2.96 -0.03
C GLY A 127 -6.62 2.29 -1.37
N ALA A 128 -5.58 2.37 -2.19
CA ALA A 128 -5.58 1.71 -3.49
C ALA A 128 -5.83 0.19 -3.35
N PHE A 129 -5.14 -0.44 -2.41
CA PHE A 129 -5.35 -1.85 -2.09
C PHE A 129 -6.69 -2.08 -1.44
N GLN A 130 -7.15 -1.16 -0.60
CA GLN A 130 -8.48 -1.35 -0.01
C GLN A 130 -9.60 -1.34 -1.06
N LEU A 131 -9.59 -0.32 -1.91
CA LEU A 131 -10.56 -0.22 -3.00
C LEU A 131 -10.58 -1.48 -3.87
N LEU A 132 -9.42 -1.91 -4.35
CA LEU A 132 -9.28 -3.12 -5.12
C LEU A 132 -9.82 -4.40 -4.41
N SER A 133 -9.54 -4.51 -3.12
CA SER A 133 -10.05 -5.60 -2.26
C SER A 133 -11.58 -5.61 -2.10
N LEU A 134 -12.17 -4.42 -2.15
CA LEU A 134 -13.61 -4.24 -2.04
C LEU A 134 -14.33 -4.08 -3.40
N SER A 135 -13.59 -4.21 -4.50
CA SER A 135 -14.14 -3.96 -5.84
C SER A 135 -15.09 -5.04 -6.34
N GLN A 136 -15.77 -4.77 -7.44
CA GLN A 136 -16.74 -5.68 -8.03
C GLN A 136 -16.12 -6.88 -8.78
N LEU A 137 -14.80 -7.05 -8.68
CA LEU A 137 -14.11 -8.19 -9.30
C LEU A 137 -14.43 -9.50 -8.61
N GLY A 138 -14.46 -10.58 -9.39
CA GLY A 138 -14.57 -11.92 -8.82
C GLY A 138 -13.26 -12.34 -8.16
N LEU A 139 -13.35 -13.36 -7.31
CA LEU A 139 -12.28 -13.71 -6.36
C LEU A 139 -10.90 -13.93 -6.96
N SER A 140 -10.82 -14.67 -8.06
CA SER A 140 -9.50 -14.99 -8.63
C SER A 140 -8.89 -13.83 -9.41
N GLU A 141 -9.74 -13.04 -10.07
CA GLU A 141 -9.30 -11.85 -10.81
C GLU A 141 -8.81 -10.80 -9.81
N LYS A 142 -9.55 -10.70 -8.71
CA LYS A 142 -9.23 -9.79 -7.62
C LYS A 142 -7.85 -10.08 -7.09
N VAL A 143 -7.57 -11.35 -6.79
CA VAL A 143 -6.28 -11.76 -6.26
C VAL A 143 -5.16 -11.55 -7.25
N LEU A 144 -5.39 -11.87 -8.52
CA LEU A 144 -4.42 -11.64 -9.58
C LEU A 144 -4.06 -10.16 -9.69
N LEU A 145 -5.06 -9.30 -9.67
CA LEU A 145 -4.82 -7.88 -9.89
C LEU A 145 -4.15 -7.22 -8.66
N MET A 146 -4.42 -7.76 -7.47
CA MET A 146 -3.77 -7.29 -6.24
CA MET A 146 -3.76 -7.28 -6.25
C MET A 146 -2.30 -7.70 -6.25
N GLN A 147 -2.04 -8.94 -6.68
CA GLN A 147 -0.67 -9.44 -6.88
C GLN A 147 0.09 -8.56 -7.86
N GLN A 148 -0.55 -8.26 -8.97
CA GLN A 148 0.08 -7.51 -10.04
C GLN A 148 0.29 -6.02 -9.66
N LEU A 149 -0.67 -5.44 -8.96
CA LEU A 149 -0.54 -4.04 -8.53
C LEU A 149 0.60 -3.90 -7.55
N ALA A 150 0.66 -4.81 -6.57
CA ALA A 150 1.76 -4.83 -5.59
C ALA A 150 3.11 -5.09 -6.23
N LYS A 151 3.15 -6.01 -7.20
CA LYS A 151 4.36 -6.25 -7.99
CA LYS A 151 4.36 -6.25 -8.01
C LYS A 151 4.80 -4.98 -8.70
N ALA A 152 3.88 -4.29 -9.37
CA ALA A 152 4.21 -3.09 -10.11
C ALA A 152 4.58 -1.90 -9.20
N ALA A 153 3.84 -1.74 -8.12
CA ALA A 153 3.96 -0.56 -7.29
C ALA A 153 5.02 -0.65 -6.20
N GLY A 154 5.40 -1.87 -5.81
CA GLY A 154 6.26 -2.08 -4.66
C GLY A 154 7.76 -2.28 -4.91
N ASN A 155 8.38 -3.09 -4.05
CA ASN A 155 9.82 -3.39 -4.08
C ASN A 155 10.32 -4.03 -5.37
N GLN A 156 9.44 -4.73 -6.08
CA GLN A 156 9.78 -5.30 -7.39
C GLN A 156 9.66 -4.30 -8.52
N GLY A 157 9.03 -3.16 -8.23
CA GLY A 157 8.74 -2.18 -9.27
C GLY A 157 9.03 -0.77 -8.85
N MET A 158 7.96 0.04 -8.79
CA MET A 158 8.06 1.51 -8.62
C MET A 158 8.99 1.99 -7.49
N VAL A 159 8.88 1.38 -6.31
CA VAL A 159 9.65 1.83 -5.16
C VAL A 159 11.15 1.57 -5.35
N SER A 160 11.50 0.39 -5.88
CA SER A 160 12.90 0.10 -6.27
C SER A 160 13.40 1.04 -7.35
N GLY A 161 12.51 1.38 -8.29
CA GLY A 161 12.79 2.37 -9.33
C GLY A 161 13.07 3.78 -8.80
N GLN A 162 12.26 4.24 -7.84
CA GLN A 162 12.44 5.55 -7.22
CA GLN A 162 12.46 5.54 -7.24
C GLN A 162 13.79 5.58 -6.48
N MET A 163 14.10 4.48 -5.80
CA MET A 163 15.39 4.38 -5.11
C MET A 163 16.56 4.42 -6.11
N GLY A 164 16.43 3.64 -7.19
CA GLY A 164 17.39 3.67 -8.30
C GLY A 164 17.62 5.05 -8.88
N ASP A 165 16.53 5.79 -9.11
CA ASP A 165 16.59 7.15 -9.66
C ASP A 165 17.36 8.14 -8.78
N ILE A 166 17.15 8.06 -7.48
CA ILE A 166 17.84 8.90 -6.50
C ILE A 166 19.34 8.56 -6.42
N GLU A 167 19.68 7.28 -6.46
CA GLU A 167 21.08 6.84 -6.49
C GLU A 167 21.80 7.33 -7.74
N GLY A 168 21.05 7.47 -8.84
CA GLY A 168 21.56 8.01 -10.09
C GLY A 168 21.83 9.50 -10.14
N GLU A 169 21.46 10.23 -9.09
CA GLU A 169 21.80 11.66 -8.97
C GLU A 169 23.28 11.90 -8.64
N LYS A 170 23.89 10.99 -7.87
CA LYS A 170 25.27 11.16 -7.40
C LYS A 170 26.29 10.22 -8.07
N VAL A 171 25.79 9.19 -8.77
CA VAL A 171 26.61 8.33 -9.62
C VAL A 171 25.93 8.25 -10.98
N SER A 172 26.59 8.79 -12.01
CA SER A 172 26.06 8.79 -13.38
C SER A 172 25.84 7.38 -13.91
N LEU A 173 24.70 7.19 -14.58
CA LEU A 173 24.26 5.88 -15.02
C LEU A 173 24.53 5.66 -16.50
N THR A 174 24.68 4.39 -16.87
CA THR A 174 24.78 4.00 -18.28
C THR A 174 23.39 3.98 -18.91
N LEU A 175 23.34 3.78 -20.22
CA LEU A 175 22.07 3.69 -20.95
C LEU A 175 21.18 2.57 -20.39
N GLU A 176 21.78 1.40 -20.15
CA GLU A 176 21.05 0.21 -19.72
C GLU A 176 20.64 0.27 -18.25
N GLU A 177 21.40 1.01 -17.45
CA GLU A 177 21.03 1.30 -16.06
C GLU A 177 19.84 2.27 -16.02
N LEU A 178 19.89 3.31 -16.87
CA LEU A 178 18.81 4.27 -17.05
C LEU A 178 17.51 3.59 -17.47
N ALA A 179 17.59 2.71 -18.47
CA ALA A 179 16.44 1.98 -18.96
C ALA A 179 15.83 1.10 -17.89
N ALA A 180 16.67 0.49 -17.05
CA ALA A 180 16.22 -0.35 -15.94
C ALA A 180 15.54 0.47 -14.85
N VAL A 181 16.08 1.67 -14.60
CA VAL A 181 15.47 2.62 -13.67
C VAL A 181 14.10 3.05 -14.17
N HIS A 182 14.01 3.48 -15.44
CA HIS A 182 12.75 3.94 -16.03
C HIS A 182 11.72 2.82 -16.06
N GLU A 183 12.18 1.61 -16.36
CA GLU A 183 11.34 0.43 -16.41
C GLU A 183 10.66 0.11 -15.09
N LYS A 184 11.36 0.34 -13.98
CA LYS A 184 10.76 0.07 -12.67
C LYS A 184 9.96 1.27 -12.17
N LYS A 185 10.52 2.46 -12.32
CA LYS A 185 9.91 3.69 -11.78
C LYS A 185 8.65 4.14 -12.55
N THR A 186 8.66 3.97 -13.87
CA THR A 186 7.59 4.44 -14.75
C THR A 186 6.93 3.27 -15.49
N GLY A 187 7.75 2.37 -16.04
CA GLY A 187 7.28 1.26 -16.86
C GLY A 187 6.33 0.32 -16.14
N ALA A 188 6.62 0.07 -14.86
CA ALA A 188 5.92 -0.97 -14.11
C ALA A 188 4.42 -0.73 -13.94
N LEU A 189 4.02 0.50 -13.61
CA LEU A 189 2.59 0.85 -13.46
C LEU A 189 1.88 0.94 -14.83
N ILE A 190 2.62 1.35 -15.84
CA ILE A 190 2.12 1.39 -17.24
C ILE A 190 1.84 -0.05 -17.66
N GLU A 191 2.78 -0.95 -17.36
CA GLU A 191 2.60 -2.37 -17.64
CA GLU A 191 2.63 -2.39 -17.61
C GLU A 191 1.39 -2.94 -16.90
N PHE A 192 1.24 -2.58 -15.61
CA PHE A 192 0.05 -2.97 -14.88
C PHE A 192 -1.22 -2.49 -15.58
N ALA A 193 -1.24 -1.26 -16.07
CA ALA A 193 -2.48 -0.74 -16.68
C ALA A 193 -2.94 -1.63 -17.86
N LEU A 194 -1.98 -2.01 -18.71
CA LEU A 194 -2.25 -2.87 -19.88
C LEU A 194 -2.66 -4.30 -19.52
N ILE A 195 -1.91 -4.91 -18.59
CA ILE A 195 -2.23 -6.19 -17.98
C ILE A 195 -3.62 -6.20 -17.40
N ALA A 196 -3.94 -5.18 -16.60
CA ALA A 196 -5.26 -5.09 -16.00
C ALA A 196 -6.36 -4.95 -17.04
N GLY A 197 -6.14 -4.12 -18.06
CA GLY A 197 -7.03 -4.02 -19.21
C GLY A 197 -7.33 -5.40 -19.83
N GLY A 198 -6.27 -6.18 -20.07
CA GLY A 198 -6.40 -7.57 -20.55
C GLY A 198 -7.20 -8.51 -19.66
N VAL A 199 -6.98 -8.42 -18.36
CA VAL A 199 -7.63 -9.28 -17.37
C VAL A 199 -9.12 -8.91 -17.27
N LEU A 200 -9.39 -7.60 -17.25
CA LEU A 200 -10.75 -7.10 -17.23
C LEU A 200 -11.54 -7.52 -18.46
N ALA A 201 -10.84 -7.67 -19.59
CA ALA A 201 -11.48 -8.04 -20.85
C ALA A 201 -11.43 -9.55 -21.14
N ASN A 202 -11.01 -10.32 -20.14
CA ASN A 202 -10.91 -11.79 -20.23
C ASN A 202 -10.03 -12.35 -21.34
N GLN A 203 -8.92 -11.67 -21.62
CA GLN A 203 -7.97 -12.10 -22.64
C GLN A 203 -7.07 -13.21 -22.16
N THR A 204 -6.43 -13.89 -23.11
CA THR A 204 -5.61 -15.04 -22.78
C THR A 204 -4.25 -14.58 -22.32
N GLU A 205 -3.49 -15.52 -21.75
CA GLU A 205 -2.13 -15.30 -21.29
C GLU A 205 -1.24 -14.83 -22.42
N GLU A 206 -1.57 -15.26 -23.63
CA GLU A 206 -0.83 -14.91 -24.83
C GLU A 206 -1.05 -13.43 -25.18
N VAL A 207 -2.30 -13.00 -25.11
CA VAL A 207 -2.66 -11.62 -25.41
C VAL A 207 -2.14 -10.67 -24.31
N ILE A 208 -2.33 -11.05 -23.05
CA ILE A 208 -1.85 -10.27 -21.89
C ILE A 208 -0.35 -10.05 -22.00
N GLY A 209 0.38 -11.09 -22.42
CA GLY A 209 1.80 -10.97 -22.73
C GLY A 209 2.16 -9.98 -23.81
N LEU A 210 1.34 -9.91 -24.86
CA LEU A 210 1.51 -8.92 -25.92
C LEU A 210 1.13 -7.48 -25.46
N LEU A 211 0.06 -7.36 -24.68
CA LEU A 211 -0.34 -6.08 -24.08
C LEU A 211 0.77 -5.50 -23.20
N THR A 212 1.46 -6.39 -22.48
CA THR A 212 2.63 -6.05 -21.68
C THR A 212 3.78 -5.45 -22.49
N GLN A 213 4.03 -6.03 -23.66
CA GLN A 213 5.06 -5.55 -24.56
C GLN A 213 4.68 -4.19 -25.11
N PHE A 214 3.41 -4.04 -25.47
CA PHE A 214 2.89 -2.73 -25.87
C PHE A 214 3.15 -1.67 -24.79
N ALA A 215 2.83 -1.99 -23.53
CA ALA A 215 3.04 -1.07 -22.40
C ALA A 215 4.48 -0.68 -22.25
N HIS A 216 5.37 -1.67 -22.35
CA HIS A 216 6.82 -1.42 -22.34
C HIS A 216 7.22 -0.40 -23.40
N HIS A 217 6.75 -0.58 -24.63
CA HIS A 217 7.10 0.36 -25.69
C HIS A 217 6.42 1.71 -25.47
N TYR A 218 5.13 1.68 -25.12
CA TYR A 218 4.42 2.92 -24.77
C TYR A 218 5.14 3.71 -23.68
N GLY A 219 5.49 3.02 -22.60
CA GLY A 219 6.07 3.63 -21.39
C GLY A 219 7.44 4.23 -21.63
N LEU A 220 8.24 3.57 -22.47
CA LEU A 220 9.55 4.09 -22.84
C LEU A 220 9.39 5.24 -23.81
N ALA A 221 8.51 5.09 -24.80
CA ALA A 221 8.22 6.17 -25.75
C ALA A 221 7.74 7.46 -25.04
N PHE A 222 6.97 7.29 -23.96
CA PHE A 222 6.44 8.39 -23.14
C PHE A 222 7.58 9.17 -22.52
N GLN A 223 8.55 8.46 -21.97
CA GLN A 223 9.71 9.07 -21.31
C GLN A 223 10.66 9.75 -22.30
N ILE A 224 10.97 9.06 -23.40
CA ILE A 224 11.83 9.63 -24.44
C ILE A 224 11.24 10.93 -25.01
N ARG A 225 9.92 10.93 -25.24
CA ARG A 225 9.16 12.11 -25.68
C ARG A 225 9.24 13.27 -24.69
N ASP A 226 9.12 12.97 -23.40
CA ASP A 226 9.20 13.99 -22.35
C ASP A 226 10.62 14.57 -22.19
N ASP A 227 11.63 13.70 -22.29
CA ASP A 227 13.04 14.10 -22.25
C ASP A 227 13.45 14.91 -23.48
N LEU A 228 12.81 14.63 -24.62
CA LEU A 228 13.03 15.38 -25.86
C LEU A 228 12.41 16.78 -25.81
N LEU A 229 11.40 16.96 -24.97
CA LEU A 229 10.76 18.27 -24.79
C LEU A 229 11.61 19.22 -23.93
N ASP A 230 12.32 18.65 -22.96
CA ASP A 230 13.21 19.43 -22.08
C ASP A 230 14.37 20.07 -22.84
N ALA A 231 14.94 19.32 -23.78
CA ALA A 231 16.07 19.78 -24.58
C ALA A 231 15.63 20.45 -25.91
N THR A 232 14.51 21.16 -25.87
CA THR A 232 14.05 21.98 -27.01
C THR A 232 13.60 23.39 -26.57
N SER A 233 13.16 23.52 -25.32
CA SER A 233 12.76 24.81 -24.76
C SER A 233 13.57 25.14 -23.51
N SER A 251 21.84 12.72 -17.76
CA SER A 251 21.57 11.36 -18.23
C SER A 251 20.13 11.16 -18.65
N THR A 252 19.88 11.49 -19.91
CA THR A 252 18.59 11.46 -20.52
C THR A 252 18.83 10.86 -21.86
N TYR A 253 17.79 10.47 -22.54
CA TYR A 253 18.02 9.84 -23.80
C TYR A 253 18.74 10.73 -24.79
N PRO A 254 18.34 11.97 -24.88
CA PRO A 254 18.98 12.85 -25.84
C PRO A 254 20.44 13.04 -25.53
N ALA A 255 20.76 13.16 -24.26
CA ALA A 255 22.12 13.39 -23.90
C ALA A 255 22.96 12.18 -24.26
N LEU A 256 22.46 11.01 -23.99
CA LEU A 256 23.25 9.80 -24.21
C LEU A 256 23.30 9.38 -25.67
N LEU A 257 22.30 9.81 -26.45
CA LEU A 257 22.16 9.38 -27.85
C LEU A 257 22.36 10.50 -28.86
N GLY A 258 22.27 11.75 -28.40
CA GLY A 258 22.12 12.88 -29.31
C GLY A 258 20.64 13.13 -29.50
N ILE A 259 20.28 14.33 -29.95
CA ILE A 259 18.89 14.71 -30.19
C ILE A 259 18.28 13.85 -31.30
N ALA A 260 18.98 13.75 -32.43
CA ALA A 260 18.51 12.98 -33.61
C ALA A 260 18.42 11.46 -33.37
N GLY A 261 19.31 10.94 -32.53
CA GLY A 261 19.29 9.54 -32.12
C GLY A 261 18.17 9.22 -31.14
N ALA A 262 17.81 10.20 -30.32
CA ALA A 262 16.66 10.07 -29.41
C ALA A 262 15.31 10.16 -30.14
N LYS A 263 15.25 10.97 -31.20
CA LYS A 263 14.08 11.03 -32.09
C LYS A 263 13.86 9.68 -32.76
N ASP A 264 14.95 9.04 -33.14
CA ASP A 264 14.91 7.70 -33.71
C ASP A 264 14.60 6.65 -32.65
N ALA A 265 15.03 6.89 -31.43
CA ALA A 265 14.67 6.01 -30.30
C ALA A 265 13.14 6.00 -30.11
N LEU A 266 12.53 7.19 -30.19
CA LEU A 266 11.09 7.38 -30.08
C LEU A 266 10.34 6.67 -31.21
N THR A 267 10.72 6.98 -32.46
CA THR A 267 10.13 6.39 -33.67
C THR A 267 10.16 4.85 -33.63
N HIS A 268 11.29 4.29 -33.21
CA HIS A 268 11.44 2.83 -33.08
C HIS A 268 10.50 2.21 -32.04
N GLN A 269 10.36 2.85 -30.88
CA GLN A 269 9.40 2.38 -29.87
C GLN A 269 7.97 2.42 -30.39
N LEU A 270 7.61 3.51 -31.06
CA LEU A 270 6.27 3.63 -31.68
C LEU A 270 6.05 2.54 -32.71
N ALA A 271 7.05 2.30 -33.56
CA ALA A 271 6.99 1.23 -34.56
C ALA A 271 6.83 -0.15 -33.91
N GLU A 272 7.56 -0.36 -32.81
CA GLU A 272 7.47 -1.63 -32.10
C GLU A 272 6.13 -1.81 -31.38
N GLY A 273 5.60 -0.72 -30.82
CA GLY A 273 4.23 -0.69 -30.30
C GLY A 273 3.21 -1.08 -31.35
N SER A 274 3.29 -0.46 -32.53
CA SER A 274 2.41 -0.78 -33.67
C SER A 274 2.52 -2.24 -34.10
N ALA A 275 3.77 -2.71 -34.23
CA ALA A 275 4.02 -4.10 -34.58
C ALA A 275 3.37 -5.03 -33.57
N VAL A 276 3.41 -4.65 -32.29
CA VAL A 276 2.73 -5.43 -31.25
C VAL A 276 1.19 -5.44 -31.40
N LEU A 277 0.60 -4.28 -31.71
CA LEU A 277 -0.85 -4.17 -31.92
C LEU A 277 -1.31 -4.97 -33.15
N GLU A 278 -0.49 -4.93 -34.20
CA GLU A 278 -0.67 -5.79 -35.37
C GLU A 278 -0.78 -7.26 -34.96
N LYS A 279 0.18 -7.74 -34.16
CA LYS A 279 0.15 -9.12 -33.64
C LYS A 279 -1.10 -9.44 -32.82
N ILE A 280 -1.59 -8.46 -32.05
CA ILE A 280 -2.84 -8.63 -31.28
C ILE A 280 -4.06 -8.71 -32.20
N LYS A 281 -4.08 -7.84 -33.20
CA LYS A 281 -5.16 -7.82 -34.21
C LYS A 281 -5.29 -9.17 -34.93
N ALA A 282 -4.16 -9.81 -35.23
CA ALA A 282 -4.12 -11.15 -35.80
C ALA A 282 -4.68 -12.23 -34.86
N ASN A 283 -4.38 -12.09 -33.57
CA ASN A 283 -4.80 -13.05 -32.55
C ASN A 283 -6.24 -12.87 -32.07
N VAL A 284 -6.79 -11.67 -32.21
CA VAL A 284 -8.12 -11.34 -31.68
C VAL A 284 -9.05 -10.76 -32.77
N PRO A 285 -10.18 -11.44 -33.03
CA PRO A 285 -11.18 -10.97 -34.01
C PRO A 285 -11.82 -9.64 -33.59
N ASN A 286 -12.51 -9.64 -32.45
CA ASN A 286 -13.13 -8.44 -31.91
C ASN A 286 -12.10 -7.52 -31.25
N PHE A 287 -11.49 -6.66 -32.06
CA PHE A 287 -10.44 -5.79 -31.59
C PHE A 287 -10.40 -4.45 -32.33
N SER A 288 -10.72 -3.36 -31.62
CA SER A 288 -10.63 -2.01 -32.15
C SER A 288 -9.23 -1.45 -31.88
N GLU A 289 -8.32 -1.69 -32.83
CA GLU A 289 -6.90 -1.29 -32.72
C GLU A 289 -6.65 0.21 -32.53
N GLU A 290 -7.56 1.03 -33.06
CA GLU A 290 -7.39 2.51 -33.08
C GLU A 290 -7.31 3.09 -31.68
N HIS A 291 -8.04 2.50 -30.73
CA HIS A 291 -7.98 2.95 -29.34
C HIS A 291 -6.54 2.98 -28.82
N LEU A 292 -5.85 1.86 -28.96
CA LEU A 292 -4.47 1.79 -28.53
C LEU A 292 -3.48 2.43 -29.52
N ALA A 293 -3.74 2.30 -30.82
CA ALA A 293 -2.90 2.96 -31.85
C ALA A 293 -2.87 4.49 -31.75
N ASN A 294 -4.03 5.10 -31.44
CA ASN A 294 -4.12 6.56 -31.28
CA ASN A 294 -4.07 6.56 -31.31
C ASN A 294 -3.26 7.07 -30.11
N LEU A 295 -3.21 6.30 -29.03
CA LEU A 295 -2.36 6.67 -27.87
C LEU A 295 -0.88 6.69 -28.27
N LEU A 296 -0.48 5.73 -29.10
CA LEU A 296 0.84 5.72 -29.72
C LEU A 296 1.07 6.91 -30.66
N THR A 297 0.09 7.20 -31.53
CA THR A 297 0.08 8.37 -32.41
C THR A 297 0.29 9.69 -31.66
N GLN A 298 -0.34 9.84 -30.49
CA GLN A 298 -0.25 11.08 -29.70
CA GLN A 298 -0.25 11.08 -29.70
C GLN A 298 1.18 11.37 -29.23
N LEU A 299 2.00 10.32 -29.13
CA LEU A 299 3.40 10.48 -28.68
C LEU A 299 4.41 10.88 -29.78
N GLN A 300 3.96 10.93 -31.05
CA GLN A 300 4.78 11.42 -32.17
C GLN A 300 5.22 12.88 -31.99
N LEU A 301 6.28 13.28 -32.69
CA LEU A 301 6.70 14.68 -32.71
C LEU A 301 6.33 15.33 -34.05
N ARG A 302 5.77 16.54 -33.97
CA ARG A 302 5.29 17.27 -35.15
C ARG A 302 5.97 18.62 -35.30
N SER B 9 3.75 -23.27 27.80
CA SER B 9 4.52 -22.05 28.21
C SER B 9 4.64 -21.08 27.04
N LEU B 10 4.38 -19.80 27.33
CA LEU B 10 4.36 -18.75 26.31
C LEU B 10 5.74 -18.44 25.72
N THR B 11 6.78 -18.46 26.56
CA THR B 11 8.14 -18.24 26.04
C THR B 11 8.59 -19.39 25.12
N ASN B 12 8.19 -20.62 25.43
CA ASN B 12 8.47 -21.76 24.55
C ASN B 12 7.83 -21.56 23.18
N PHE B 13 6.56 -21.14 23.22
CA PHE B 13 5.75 -20.87 22.04
C PHE B 13 6.41 -19.78 21.20
N SER B 14 6.67 -18.64 21.82
CA SER B 14 7.26 -17.50 21.13
C SER B 14 8.64 -17.81 20.55
N GLN B 15 9.47 -18.56 21.28
CA GLN B 15 10.84 -18.89 20.83
C GLN B 15 10.87 -19.92 19.71
N GLN B 16 9.84 -20.75 19.66
CA GLN B 16 9.65 -21.66 18.55
C GLN B 16 9.11 -20.94 17.30
N HIS B 17 8.16 -20.03 17.50
CA HIS B 17 7.34 -19.54 16.39
C HIS B 17 7.75 -18.21 15.75
N LEU B 18 8.24 -17.28 16.56
CA LEU B 18 8.68 -15.98 16.05
C LEU B 18 9.87 -16.00 15.07
N PRO B 19 10.86 -16.91 15.26
CA PRO B 19 11.93 -16.96 14.24
C PRO B 19 11.45 -17.40 12.84
N LEU B 20 10.35 -18.16 12.80
CA LEU B 20 9.72 -18.57 11.56
C LEU B 20 9.02 -17.38 10.86
N VAL B 21 8.31 -16.56 11.65
CA VAL B 21 7.71 -15.31 11.16
C VAL B 21 8.79 -14.40 10.59
N GLU B 22 9.85 -14.25 11.36
CA GLU B 22 10.95 -13.40 10.99
C GLU B 22 11.68 -13.94 9.77
N LYS B 23 11.66 -15.27 9.61
CA LYS B 23 12.20 -15.88 8.39
C LYS B 23 11.35 -15.51 7.16
N VAL B 24 10.02 -15.60 7.28
CA VAL B 24 9.12 -15.20 6.20
C VAL B 24 9.40 -13.74 5.77
N MET B 25 9.52 -12.85 6.75
CA MET B 25 9.83 -11.42 6.49
C MET B 25 11.15 -11.21 5.74
N VAL B 26 12.25 -11.70 6.33
CA VAL B 26 13.61 -11.56 5.79
C VAL B 26 13.75 -12.16 4.38
N ASP B 27 13.19 -13.36 4.19
CA ASP B 27 13.23 -14.02 2.89
C ASP B 27 12.35 -13.31 1.85
N PHE B 28 11.21 -12.77 2.28
CA PHE B 28 10.34 -12.07 1.31
C PHE B 28 11.05 -10.82 0.81
N ILE B 29 11.64 -10.08 1.75
CA ILE B 29 12.38 -8.87 1.43
CA ILE B 29 12.37 -8.85 1.43
C ILE B 29 13.59 -9.17 0.54
N ALA B 30 14.39 -10.16 0.91
CA ALA B 30 15.58 -10.48 0.09
C ALA B 30 15.24 -11.01 -1.30
N GLU B 31 14.11 -11.71 -1.41
CA GLU B 31 13.70 -12.31 -2.68
C GLU B 31 12.81 -11.46 -3.58
N TYR B 32 12.13 -10.46 -3.02
CA TYR B 32 11.18 -9.67 -3.82
C TYR B 32 11.48 -8.18 -3.87
N THR B 33 12.75 -7.82 -3.73
CA THR B 33 13.20 -6.44 -3.81
C THR B 33 14.33 -6.30 -4.83
N GLU B 34 14.14 -5.44 -5.83
CA GLU B 34 15.13 -5.30 -6.90
C GLU B 34 16.32 -4.48 -6.44
N ASN B 35 16.05 -3.35 -5.79
CA ASN B 35 17.10 -2.42 -5.38
C ASN B 35 17.75 -2.81 -4.05
N GLU B 36 19.08 -2.90 -4.06
CA GLU B 36 19.87 -3.41 -2.94
C GLU B 36 19.88 -2.46 -1.74
N ARG B 37 19.97 -1.16 -1.98
CA ARG B 37 19.95 -0.18 -0.90
C ARG B 37 18.57 -0.16 -0.21
N LEU B 38 17.51 -0.22 -1.03
CA LEU B 38 16.15 -0.35 -0.53
C LEU B 38 16.04 -1.60 0.34
N LYS B 39 16.53 -2.74 -0.18
CA LYS B 39 16.56 -4.01 0.55
C LYS B 39 17.30 -3.91 1.90
N GLU B 40 18.49 -3.31 1.89
CA GLU B 40 19.30 -3.11 3.10
C GLU B 40 18.53 -2.30 4.15
N ALA B 41 17.87 -1.24 3.69
CA ALA B 41 17.12 -0.32 4.54
C ALA B 41 15.98 -1.02 5.23
N MET B 42 15.23 -1.82 4.45
CA MET B 42 14.09 -2.53 5.02
C MET B 42 14.57 -3.62 5.99
N LEU B 43 15.70 -4.27 5.67
CA LEU B 43 16.26 -5.32 6.52
C LEU B 43 16.79 -4.78 7.85
N TYR B 44 17.40 -3.60 7.81
CA TYR B 44 17.86 -2.91 9.01
C TYR B 44 16.75 -2.66 10.05
N SER B 45 15.57 -2.26 9.59
CA SER B 45 14.44 -1.98 10.48
C SER B 45 13.78 -3.26 10.99
N ILE B 46 13.81 -4.32 10.19
CA ILE B 46 13.41 -5.65 10.69
C ILE B 46 14.43 -6.17 11.71
N HIS B 47 15.72 -5.98 11.41
CA HIS B 47 16.81 -6.50 12.25
C HIS B 47 16.98 -5.80 13.60
N ALA B 48 16.42 -4.60 13.73
CA ALA B 48 16.49 -3.84 14.97
C ALA B 48 15.68 -4.51 16.09
N GLY B 49 14.80 -5.43 15.70
CA GLY B 49 14.00 -6.23 16.62
C GLY B 49 12.86 -5.48 17.29
N GLY B 50 12.17 -6.18 18.18
CA GLY B 50 11.00 -5.67 18.87
C GLY B 50 10.25 -6.83 19.50
N LYS B 51 9.17 -6.52 20.21
CA LYS B 51 8.37 -7.52 20.93
C LYS B 51 7.70 -8.52 20.00
N ARG B 52 7.44 -8.10 18.75
CA ARG B 52 6.71 -8.91 17.78
C ARG B 52 5.34 -9.28 18.34
N LEU B 53 4.75 -8.34 19.07
CA LEU B 53 3.47 -8.53 19.73
C LEU B 53 2.36 -8.90 18.76
N ARG B 54 2.30 -8.21 17.62
CA ARG B 54 1.21 -8.42 16.65
C ARG B 54 1.26 -9.82 15.97
N PRO B 55 2.43 -10.25 15.45
CA PRO B 55 2.52 -11.64 15.00
C PRO B 55 2.28 -12.66 16.12
N LEU B 56 2.78 -12.36 17.33
CA LEU B 56 2.54 -13.23 18.49
C LEU B 56 1.05 -13.36 18.75
N LEU B 57 0.33 -12.23 18.71
CA LEU B 57 -1.13 -12.26 18.86
C LEU B 57 -1.87 -13.06 17.77
N VAL B 58 -1.40 -13.02 16.52
CA VAL B 58 -2.00 -13.85 15.45
C VAL B 58 -1.84 -15.33 15.79
N LEU B 59 -0.60 -15.72 16.09
CA LEU B 59 -0.26 -17.12 16.31
C LEU B 59 -0.86 -17.71 17.58
N THR B 60 -0.80 -16.99 18.71
CA THR B 60 -1.42 -17.48 19.94
C THR B 60 -2.92 -17.65 19.75
N THR B 61 -3.53 -16.75 18.98
CA THR B 61 -4.95 -16.88 18.68
C THR B 61 -5.24 -18.16 17.89
N VAL B 62 -4.42 -18.47 16.89
CA VAL B 62 -4.61 -19.71 16.12
C VAL B 62 -4.51 -20.94 17.05
N ALA B 63 -3.46 -20.97 17.86
CA ALA B 63 -3.18 -22.05 18.82
C ALA B 63 -4.29 -22.17 19.88
N ALA B 64 -4.87 -21.04 20.26
CA ALA B 64 -5.99 -20.99 21.22
C ALA B 64 -7.15 -21.89 20.84
N PHE B 65 -7.35 -22.09 19.53
CA PHE B 65 -8.43 -22.90 19.00
C PHE B 65 -7.98 -24.31 18.62
N GLN B 66 -6.77 -24.65 19.04
CA GLN B 66 -6.15 -25.96 18.85
C GLN B 66 -5.95 -26.41 17.40
N LYS B 67 -5.83 -25.43 16.51
CA LYS B 67 -5.37 -25.66 15.15
C LYS B 67 -3.85 -25.53 15.19
N GLU B 68 -3.15 -26.44 14.52
CA GLU B 68 -1.68 -26.38 14.48
C GLU B 68 -1.22 -25.37 13.43
N MET B 69 -0.04 -24.82 13.65
CA MET B 69 0.53 -23.79 12.76
C MET B 69 0.80 -24.30 11.35
N GLU B 70 0.40 -23.50 10.36
CA GLU B 70 0.67 -23.78 8.95
C GLU B 70 1.52 -22.63 8.40
N THR B 71 2.00 -22.78 7.16
CA THR B 71 2.72 -21.71 6.47
C THR B 71 1.88 -20.42 6.38
N GLN B 72 0.61 -20.56 6.03
CA GLN B 72 -0.32 -19.44 5.91
C GLN B 72 -0.47 -18.62 7.20
N ASP B 73 -0.20 -19.24 8.34
CA ASP B 73 -0.29 -18.58 9.63
C ASP B 73 0.91 -17.65 9.79
N TYR B 74 2.08 -18.15 9.45
CA TYR B 74 3.32 -17.37 9.54
C TYR B 74 3.38 -16.21 8.54
N GLN B 75 2.70 -16.38 7.40
CA GLN B 75 2.71 -15.40 6.30
C GLN B 75 1.87 -14.17 6.66
N VAL B 76 0.71 -14.40 7.27
CA VAL B 76 -0.19 -13.36 7.72
C VAL B 76 0.47 -12.56 8.85
N ALA B 77 1.04 -13.29 9.81
CA ALA B 77 1.79 -12.70 10.92
C ALA B 77 2.99 -11.87 10.44
N ALA B 78 3.64 -12.33 9.37
CA ALA B 78 4.75 -11.59 8.77
C ALA B 78 4.28 -10.31 8.08
N SER B 79 3.18 -10.42 7.35
CA SER B 79 2.57 -9.29 6.65
CA SER B 79 2.53 -9.30 6.66
C SER B 79 2.18 -8.23 7.68
N LEU B 80 1.52 -8.67 8.75
CA LEU B 80 1.09 -7.79 9.81
C LEU B 80 2.26 -7.05 10.46
N GLU B 81 3.36 -7.76 10.70
CA GLU B 81 4.57 -7.14 11.29
C GLU B 81 5.34 -6.23 10.33
N MET B 82 5.26 -6.52 9.03
CA MET B 82 5.79 -5.60 8.01
C MET B 82 5.03 -4.27 8.02
N ILE B 83 3.69 -4.32 8.20
CA ILE B 83 2.90 -3.10 8.42
C ILE B 83 3.39 -2.34 9.65
N HIS B 84 3.49 -3.02 10.80
CA HIS B 84 3.97 -2.35 12.02
C HIS B 84 5.36 -1.74 11.80
N THR B 85 6.24 -2.47 11.12
CA THR B 85 7.61 -2.00 10.86
C THR B 85 7.64 -0.71 10.02
N TYR B 86 6.87 -0.67 8.93
CA TYR B 86 6.76 0.52 8.11
C TYR B 86 6.30 1.74 8.90
N SER B 87 5.24 1.57 9.70
CA SER B 87 4.70 2.72 10.45
C SER B 87 5.72 3.35 11.37
N LEU B 88 6.60 2.54 11.97
CA LEU B 88 7.68 3.03 12.85
C LEU B 88 8.68 3.82 12.08
N ILE B 89 9.08 3.35 10.89
CA ILE B 89 10.02 4.09 10.02
C ILE B 89 9.50 5.48 9.67
N HIS B 90 8.21 5.55 9.32
CA HIS B 90 7.63 6.83 8.95
C HIS B 90 7.41 7.71 10.19
N ASP B 91 6.93 7.11 11.29
CA ASP B 91 6.71 7.84 12.56
C ASP B 91 8.02 8.40 13.13
N ASP B 92 9.14 7.71 12.92
CA ASP B 92 10.45 8.20 13.37
C ASP B 92 10.99 9.46 12.66
N LEU B 93 10.51 9.74 11.44
CA LEU B 93 11.03 10.84 10.62
C LEU B 93 10.98 12.22 11.30
N PRO B 94 11.93 13.14 10.96
CA PRO B 94 11.93 14.51 11.51
C PRO B 94 10.56 15.18 11.47
N ALA B 95 9.84 15.03 10.34
CA ALA B 95 8.51 15.63 10.18
C ALA B 95 7.46 15.08 11.16
N MET B 96 7.69 13.88 11.70
CA MET B 96 6.70 13.22 12.56
C MET B 96 7.19 13.22 14.04
N ASP B 97 7.48 12.05 14.61
CA ASP B 97 8.03 11.99 15.98
C ASP B 97 9.50 12.43 16.12
N ASP B 98 10.27 12.39 15.03
CA ASP B 98 11.67 12.87 15.01
C ASP B 98 12.54 12.13 16.06
N ASP B 99 12.64 10.81 15.91
CA ASP B 99 13.39 9.99 16.87
C ASP B 99 14.72 9.59 16.26
N ASP B 100 15.79 9.85 16.99
CA ASP B 100 17.16 9.49 16.59
C ASP B 100 17.48 8.04 16.91
N LEU B 101 16.78 7.47 17.90
CA LEU B 101 17.08 6.10 18.37
C LEU B 101 15.83 5.24 18.58
N ARG B 102 15.98 3.97 18.23
CA ARG B 102 14.95 2.96 18.40
C ARG B 102 15.69 1.67 18.74
N ARG B 103 15.29 1.04 19.85
CA ARG B 103 15.93 -0.17 20.37
C ARG B 103 17.44 0.03 20.61
N GLY B 104 17.80 1.22 21.10
CA GLY B 104 19.19 1.58 21.40
C GLY B 104 20.13 1.79 20.21
N LYS B 105 19.59 1.67 19.00
CA LYS B 105 20.35 1.80 17.76
C LYS B 105 19.80 2.99 16.97
N PRO B 106 20.60 3.58 16.05
CA PRO B 106 20.05 4.70 15.26
C PRO B 106 18.83 4.32 14.42
N THR B 107 17.95 5.30 14.19
CA THR B 107 16.73 5.04 13.42
C THR B 107 17.02 4.96 11.94
N ASN B 108 16.03 4.52 11.14
CA ASN B 108 16.26 4.25 9.71
C ASN B 108 16.84 5.44 8.94
N HIS B 109 16.26 6.63 9.15
CA HIS B 109 16.67 7.82 8.42
C HIS B 109 18.00 8.40 8.90
N LYS B 110 18.37 8.11 10.15
CA LYS B 110 19.68 8.53 10.68
C LYS B 110 20.79 7.75 10.00
N VAL B 111 20.54 6.47 9.75
CA VAL B 111 21.48 5.63 9.01
C VAL B 111 21.43 5.88 7.49
N PHE B 112 20.22 5.99 6.93
CA PHE B 112 20.09 5.91 5.46
C PHE B 112 19.71 7.19 4.74
N GLY B 113 19.44 8.26 5.49
CA GLY B 113 18.84 9.46 4.90
C GLY B 113 17.30 9.35 4.87
N GLU B 114 16.64 10.50 4.80
CA GLU B 114 15.18 10.56 4.86
C GLU B 114 14.50 9.93 3.62
N ALA B 115 15.04 10.24 2.44
CA ALA B 115 14.52 9.73 1.18
C ALA B 115 14.43 8.20 1.19
N THR B 116 15.53 7.54 1.56
CA THR B 116 15.57 6.08 1.73
C THR B 116 14.62 5.53 2.81
N ALA B 117 14.52 6.21 3.96
CA ALA B 117 13.58 5.81 5.01
C ALA B 117 12.13 5.84 4.50
N ILE B 118 11.76 6.93 3.82
CA ILE B 118 10.40 7.08 3.27
C ILE B 118 10.08 5.90 2.32
N LEU B 119 11.01 5.62 1.42
CA LEU B 119 10.89 4.52 0.46
C LEU B 119 10.88 3.15 1.10
N ALA B 120 11.67 2.93 2.14
CA ALA B 120 11.65 1.65 2.85
C ALA B 120 10.29 1.39 3.50
N GLY B 121 9.72 2.44 4.11
CA GLY B 121 8.38 2.39 4.67
C GLY B 121 7.36 2.10 3.58
N ASP B 122 7.42 2.85 2.48
CA ASP B 122 6.55 2.58 1.31
C ASP B 122 6.69 1.14 0.78
N GLY B 123 7.96 0.69 0.66
CA GLY B 123 8.28 -0.67 0.23
C GLY B 123 7.73 -1.76 1.15
N LEU B 124 7.90 -1.56 2.45
CA LEU B 124 7.32 -2.49 3.44
C LEU B 124 5.78 -2.55 3.48
N LEU B 125 5.13 -1.40 3.31
CA LEU B 125 3.67 -1.34 3.26
C LEU B 125 3.18 -2.10 2.04
N THR B 126 3.74 -1.79 0.87
CA THR B 126 3.36 -2.51 -0.34
C THR B 126 3.72 -3.98 -0.20
N GLY B 127 4.92 -4.25 0.33
CA GLY B 127 5.41 -5.62 0.57
C GLY B 127 4.44 -6.48 1.39
N ALA B 128 3.85 -5.90 2.43
CA ALA B 128 2.87 -6.63 3.26
C ALA B 128 1.66 -7.09 2.47
N PHE B 129 1.16 -6.22 1.59
CA PHE B 129 0.03 -6.62 0.73
C PHE B 129 0.43 -7.64 -0.32
N GLN B 130 1.63 -7.48 -0.86
CA GLN B 130 2.15 -8.44 -1.84
C GLN B 130 2.26 -9.84 -1.25
N LEU B 131 2.90 -9.93 -0.08
CA LEU B 131 3.02 -11.18 0.67
C LEU B 131 1.68 -11.85 0.96
N LEU B 132 0.73 -11.08 1.47
CA LEU B 132 -0.62 -11.58 1.69
C LEU B 132 -1.31 -12.07 0.40
N SER B 133 -1.05 -11.38 -0.72
CA SER B 133 -1.62 -11.75 -2.00
C SER B 133 -0.95 -13.01 -2.57
N LEU B 134 0.29 -13.27 -2.17
CA LEU B 134 1.04 -14.43 -2.64
C LEU B 134 1.13 -15.56 -1.61
N SER B 135 0.34 -15.44 -0.54
CA SER B 135 0.40 -16.38 0.57
C SER B 135 -0.36 -17.68 0.23
N GLN B 136 -0.29 -18.65 1.15
CA GLN B 136 -0.92 -19.94 0.95
C GLN B 136 -2.30 -20.00 1.58
N LEU B 137 -3.01 -18.88 1.51
CA LEU B 137 -4.41 -18.83 1.88
C LEU B 137 -5.23 -19.15 0.64
N GLY B 138 -6.44 -19.68 0.85
CA GLY B 138 -7.39 -19.87 -0.25
C GLY B 138 -7.98 -18.52 -0.63
N LEU B 139 -8.56 -18.43 -1.82
CA LEU B 139 -9.03 -17.16 -2.39
C LEU B 139 -9.97 -16.34 -1.51
N SER B 140 -10.93 -17.00 -0.87
CA SER B 140 -11.95 -16.30 -0.09
C SER B 140 -11.39 -15.65 1.19
N GLU B 141 -10.48 -16.36 1.85
CA GLU B 141 -9.85 -15.88 3.07
C GLU B 141 -8.75 -14.88 2.74
N LYS B 142 -8.11 -15.05 1.59
CA LYS B 142 -7.05 -14.15 1.13
C LYS B 142 -7.64 -12.76 0.88
N VAL B 143 -8.81 -12.73 0.23
CA VAL B 143 -9.55 -11.51 -0.05
C VAL B 143 -10.08 -10.88 1.23
N LEU B 144 -10.65 -11.69 2.11
CA LEU B 144 -11.14 -11.20 3.40
C LEU B 144 -10.04 -10.54 4.24
N LEU B 145 -8.87 -11.17 4.32
CA LEU B 145 -7.80 -10.65 5.17
C LEU B 145 -7.11 -9.42 4.57
N MET B 146 -6.97 -9.40 3.23
CA MET B 146 -6.47 -8.20 2.55
CA MET B 146 -6.47 -8.20 2.56
C MET B 146 -7.40 -7.02 2.84
N GLN B 147 -8.71 -7.23 2.73
CA GLN B 147 -9.70 -6.19 3.08
C GLN B 147 -9.49 -5.76 4.54
N GLN B 148 -9.35 -6.73 5.44
CA GLN B 148 -9.22 -6.43 6.86
C GLN B 148 -7.92 -5.72 7.19
N LEU B 149 -6.85 -6.13 6.53
CA LEU B 149 -5.55 -5.52 6.75
C LEU B 149 -5.58 -4.08 6.23
N ALA B 150 -6.21 -3.85 5.08
CA ALA B 150 -6.31 -2.50 4.53
C ALA B 150 -7.19 -1.59 5.38
N LYS B 151 -8.30 -2.13 5.87
CA LYS B 151 -9.15 -1.39 6.83
C LYS B 151 -8.40 -0.99 8.10
N ALA B 152 -7.64 -1.95 8.65
CA ALA B 152 -6.89 -1.73 9.88
C ALA B 152 -5.73 -0.76 9.70
N ALA B 153 -4.95 -0.93 8.63
CA ALA B 153 -3.75 -0.11 8.41
C ALA B 153 -3.97 1.25 7.77
N GLY B 154 -5.09 1.40 7.05
CA GLY B 154 -5.31 2.55 6.19
C GLY B 154 -6.10 3.72 6.73
N ASN B 155 -6.75 4.40 5.80
CA ASN B 155 -7.65 5.55 6.11
C ASN B 155 -8.74 5.31 7.13
N GLN B 156 -9.22 4.08 7.22
CA GLN B 156 -10.24 3.75 8.20
C GLN B 156 -9.64 3.40 9.54
N GLY B 157 -8.30 3.37 9.62
CA GLY B 157 -7.60 2.87 10.80
C GLY B 157 -6.34 3.67 11.14
N MET B 158 -5.20 3.01 11.10
CA MET B 158 -3.92 3.50 11.64
C MET B 158 -3.48 4.89 11.12
N VAL B 159 -3.63 5.14 9.82
CA VAL B 159 -3.23 6.41 9.20
C VAL B 159 -4.09 7.58 9.72
N SER B 160 -5.40 7.36 9.86
CA SER B 160 -6.29 8.38 10.45
C SER B 160 -5.93 8.57 11.93
N GLY B 161 -5.63 7.46 12.62
CA GLY B 161 -5.16 7.52 14.02
C GLY B 161 -3.89 8.34 14.17
N GLN B 162 -2.93 8.10 13.29
CA GLN B 162 -1.67 8.87 13.30
C GLN B 162 -1.89 10.35 13.06
N MET B 163 -2.77 10.69 12.12
CA MET B 163 -3.12 12.08 11.88
C MET B 163 -3.79 12.73 13.10
N GLY B 164 -4.73 12.00 13.72
CA GLY B 164 -5.45 12.50 14.90
C GLY B 164 -4.54 12.77 16.07
N ASP B 165 -3.54 11.90 16.24
CA ASP B 165 -2.56 12.03 17.32
C ASP B 165 -1.71 13.29 17.17
N ILE B 166 -1.29 13.55 15.93
CA ILE B 166 -0.55 14.75 15.58
C ILE B 166 -1.40 16.01 15.77
N GLU B 167 -2.66 15.98 15.33
CA GLU B 167 -3.56 17.11 15.56
C GLU B 167 -3.67 17.43 17.07
N GLY B 168 -3.73 16.37 17.89
CA GLY B 168 -3.81 16.49 19.35
C GLY B 168 -2.62 17.12 20.06
N GLU B 169 -1.58 17.45 19.30
CA GLU B 169 -0.42 18.18 19.85
C GLU B 169 -0.67 19.68 20.06
N LYS B 170 -1.67 20.23 19.37
CA LYS B 170 -2.06 21.63 19.58
C LYS B 170 -3.39 21.75 20.36
N VAL B 171 -4.44 21.14 19.83
CA VAL B 171 -5.74 21.11 20.50
C VAL B 171 -5.66 20.17 21.71
N SER B 172 -6.39 20.49 22.78
CA SER B 172 -6.53 19.61 23.92
C SER B 172 -7.61 18.59 23.61
N LEU B 173 -7.25 17.32 23.63
CA LEU B 173 -8.22 16.25 23.38
C LEU B 173 -8.99 15.92 24.65
N THR B 174 -10.27 15.60 24.51
CA THR B 174 -11.04 15.06 25.63
C THR B 174 -10.70 13.58 25.81
N LEU B 175 -11.25 12.98 26.86
CA LEU B 175 -11.10 11.55 27.10
C LEU B 175 -11.61 10.69 25.92
N GLU B 176 -12.83 10.97 25.44
CA GLU B 176 -13.44 10.24 24.32
C GLU B 176 -12.59 10.34 23.06
N GLU B 177 -12.08 11.55 22.80
CA GLU B 177 -11.32 11.85 21.59
C GLU B 177 -9.94 11.20 21.61
N LEU B 178 -9.27 11.23 22.77
CA LEU B 178 -7.98 10.57 22.97
C LEU B 178 -8.14 9.06 22.76
N ALA B 179 -9.18 8.50 23.36
CA ALA B 179 -9.55 7.08 23.20
C ALA B 179 -9.81 6.72 21.74
N ALA B 180 -10.50 7.62 21.02
CA ALA B 180 -10.82 7.41 19.60
C ALA B 180 -9.56 7.48 18.72
N VAL B 181 -8.59 8.32 19.10
CA VAL B 181 -7.31 8.36 18.39
C VAL B 181 -6.61 7.01 18.54
N HIS B 182 -6.48 6.54 19.78
CA HIS B 182 -5.75 5.31 20.09
C HIS B 182 -6.41 4.09 19.47
N GLU B 183 -7.73 4.08 19.44
CA GLU B 183 -8.47 2.98 18.81
C GLU B 183 -8.07 2.81 17.36
N LYS B 184 -7.84 3.93 16.67
CA LYS B 184 -7.37 3.89 15.29
C LYS B 184 -5.84 3.71 15.22
N LYS B 185 -5.08 4.55 15.92
CA LYS B 185 -3.62 4.56 15.84
C LYS B 185 -2.95 3.24 16.26
N THR B 186 -3.54 2.59 17.27
CA THR B 186 -2.96 1.40 17.88
C THR B 186 -3.89 0.20 17.85
N GLY B 187 -5.16 0.40 18.20
CA GLY B 187 -6.10 -0.71 18.36
C GLY B 187 -6.45 -1.41 17.05
N ALA B 188 -6.41 -0.70 15.93
CA ALA B 188 -6.86 -1.30 14.66
C ALA B 188 -6.03 -2.52 14.22
N LEU B 189 -4.69 -2.40 14.26
CA LEU B 189 -3.80 -3.52 13.92
C LEU B 189 -3.88 -4.66 14.93
N ILE B 190 -4.13 -4.31 16.19
CA ILE B 190 -4.30 -5.32 17.24
C ILE B 190 -5.61 -6.08 17.02
N GLU B 191 -6.65 -5.36 16.61
CA GLU B 191 -7.89 -5.99 16.22
C GLU B 191 -7.71 -6.90 15.01
N PHE B 192 -6.95 -6.43 14.02
CA PHE B 192 -6.68 -7.27 12.86
C PHE B 192 -6.00 -8.57 13.29
N ALA B 193 -5.02 -8.48 14.21
CA ALA B 193 -4.35 -9.68 14.70
C ALA B 193 -5.36 -10.73 15.17
N LEU B 194 -6.34 -10.29 15.97
CA LEU B 194 -7.37 -11.18 16.53
C LEU B 194 -8.35 -11.70 15.50
N ILE B 195 -8.74 -10.81 14.57
CA ILE B 195 -9.63 -11.17 13.49
C ILE B 195 -8.94 -12.20 12.60
N ALA B 196 -7.68 -11.95 12.25
CA ALA B 196 -6.88 -12.83 11.41
C ALA B 196 -6.72 -14.18 12.06
N GLY B 197 -6.48 -14.18 13.37
CA GLY B 197 -6.37 -15.41 14.15
C GLY B 197 -7.61 -16.29 14.04
N GLY B 198 -8.77 -15.68 14.20
CA GLY B 198 -10.06 -16.37 14.04
C GLY B 198 -10.33 -16.95 12.67
N VAL B 199 -10.01 -16.19 11.62
CA VAL B 199 -10.20 -16.62 10.23
C VAL B 199 -9.28 -17.80 9.92
N LEU B 200 -8.02 -17.68 10.34
CA LEU B 200 -7.02 -18.73 10.17
C LEU B 200 -7.37 -20.01 10.94
N ALA B 201 -8.07 -19.85 12.07
CA ALA B 201 -8.57 -20.98 12.87
C ALA B 201 -9.97 -21.41 12.41
N ASN B 202 -10.38 -20.93 11.24
CA ASN B 202 -11.64 -21.29 10.57
C ASN B 202 -12.91 -21.06 11.40
N GLN B 203 -12.88 -20.05 12.25
CA GLN B 203 -13.96 -19.76 13.20
C GLN B 203 -15.14 -19.06 12.56
N THR B 204 -16.17 -18.82 13.37
CA THR B 204 -17.42 -18.21 12.89
C THR B 204 -17.52 -16.76 13.32
N GLU B 205 -18.55 -16.08 12.83
CA GLU B 205 -18.68 -14.62 12.94
C GLU B 205 -18.98 -14.10 14.35
N GLU B 206 -19.65 -14.90 15.17
CA GLU B 206 -19.85 -14.56 16.58
C GLU B 206 -18.52 -14.64 17.33
N VAL B 207 -17.75 -15.68 17.03
CA VAL B 207 -16.44 -15.92 17.64
C VAL B 207 -15.43 -14.83 17.22
N ILE B 208 -15.35 -14.55 15.92
CA ILE B 208 -14.52 -13.45 15.37
C ILE B 208 -14.88 -12.11 16.05
N GLY B 209 -16.17 -11.84 16.22
CA GLY B 209 -16.62 -10.63 16.92
C GLY B 209 -16.22 -10.58 18.39
N LEU B 210 -16.23 -11.74 19.04
CA LEU B 210 -15.74 -11.88 20.42
C LEU B 210 -14.23 -11.65 20.50
N LEU B 211 -13.46 -12.25 19.59
CA LEU B 211 -12.01 -11.98 19.50
C LEU B 211 -11.69 -10.48 19.28
N THR B 212 -12.48 -9.82 18.43
CA THR B 212 -12.40 -8.36 18.20
C THR B 212 -12.63 -7.56 19.49
N GLN B 213 -13.61 -7.98 20.29
CA GLN B 213 -13.83 -7.39 21.61
C GLN B 213 -12.58 -7.51 22.51
N PHE B 214 -12.02 -8.72 22.60
CA PHE B 214 -10.79 -8.93 23.38
C PHE B 214 -9.69 -7.96 22.95
N ALA B 215 -9.48 -7.87 21.63
CA ALA B 215 -8.48 -6.96 21.07
C ALA B 215 -8.75 -5.50 21.38
N HIS B 216 -10.03 -5.12 21.40
CA HIS B 216 -10.44 -3.76 21.76
C HIS B 216 -9.93 -3.38 23.16
N HIS B 217 -10.15 -4.29 24.12
CA HIS B 217 -9.75 -4.08 25.50
C HIS B 217 -8.25 -4.23 25.71
N TYR B 218 -7.65 -5.23 25.07
CA TYR B 218 -6.19 -5.36 25.08
C TYR B 218 -5.54 -4.07 24.61
N GLY B 219 -6.04 -3.54 23.49
CA GLY B 219 -5.50 -2.32 22.88
C GLY B 219 -5.53 -1.12 23.81
N LEU B 220 -6.68 -0.86 24.40
CA LEU B 220 -6.84 0.25 25.35
C LEU B 220 -5.93 0.09 26.57
N ALA B 221 -5.99 -1.09 27.19
CA ALA B 221 -5.06 -1.46 28.29
C ALA B 221 -3.59 -1.23 27.98
N PHE B 222 -3.15 -1.73 26.81
CA PHE B 222 -1.80 -1.49 26.26
C PHE B 222 -1.45 0.00 26.27
N GLN B 223 -2.34 0.84 25.76
CA GLN B 223 -2.10 2.28 25.69
C GLN B 223 -2.07 2.99 27.06
N ILE B 224 -2.96 2.61 27.97
CA ILE B 224 -2.98 3.17 29.33
C ILE B 224 -1.70 2.80 30.10
N ARG B 225 -1.31 1.53 30.02
CA ARG B 225 -0.06 1.06 30.65
C ARG B 225 1.15 1.84 30.12
N ASP B 226 1.11 2.18 28.82
CA ASP B 226 2.18 2.88 28.14
C ASP B 226 2.32 4.29 28.69
N ASP B 227 1.18 4.96 28.84
CA ASP B 227 1.10 6.30 29.44
C ASP B 227 1.51 6.33 30.92
N LEU B 228 1.15 5.29 31.66
CA LEU B 228 1.54 5.16 33.07
C LEU B 228 3.05 4.96 33.28
N LEU B 229 3.66 4.10 32.46
CA LEU B 229 5.12 3.90 32.50
C LEU B 229 5.85 5.16 32.05
N ASP B 230 5.22 5.90 31.14
CA ASP B 230 5.75 7.15 30.61
C ASP B 230 5.81 8.25 31.67
N ALA B 231 4.83 8.24 32.58
CA ALA B 231 4.77 9.24 33.65
C ALA B 231 5.27 8.67 34.98
N THR B 232 6.32 7.85 34.92
CA THR B 232 6.89 7.22 36.12
C THR B 232 8.39 6.99 35.99
N SER B 251 -1.10 15.73 26.75
CA SER B 251 -2.50 15.36 26.86
C SER B 251 -2.68 13.83 26.84
N THR B 252 -2.39 13.20 27.98
CA THR B 252 -2.39 11.74 28.11
C THR B 252 -3.45 11.28 29.11
N TYR B 253 -3.56 9.96 29.33
CA TYR B 253 -4.41 9.40 30.37
C TYR B 253 -4.11 9.89 31.82
N PRO B 254 -2.80 9.94 32.23
CA PRO B 254 -2.49 10.61 33.50
C PRO B 254 -2.87 12.09 33.55
N ALA B 255 -2.64 12.82 32.45
CA ALA B 255 -2.94 14.23 32.37
C ALA B 255 -4.44 14.54 32.54
N LEU B 256 -5.28 13.59 32.10
CA LEU B 256 -6.73 13.75 32.19
C LEU B 256 -7.32 13.12 33.46
N LEU B 257 -7.04 11.83 33.68
CA LEU B 257 -7.72 11.06 34.72
C LEU B 257 -6.99 10.97 36.06
N GLY B 258 -5.79 11.54 36.14
CA GLY B 258 -4.94 11.35 37.31
C GLY B 258 -4.29 9.97 37.32
N ILE B 259 -3.12 9.87 37.96
CA ILE B 259 -2.35 8.62 38.03
C ILE B 259 -3.19 7.45 38.56
N ALA B 260 -3.90 7.67 39.67
CA ALA B 260 -4.75 6.65 40.28
C ALA B 260 -5.96 6.31 39.41
N GLY B 261 -6.54 7.33 38.78
CA GLY B 261 -7.66 7.14 37.85
C GLY B 261 -7.25 6.38 36.59
N ALA B 262 -6.01 6.58 36.17
CA ALA B 262 -5.42 5.84 35.06
C ALA B 262 -5.27 4.35 35.40
N LYS B 263 -4.80 4.07 36.62
CA LYS B 263 -4.64 2.68 37.09
C LYS B 263 -5.96 1.94 37.16
N ASP B 264 -7.03 2.68 37.46
CA ASP B 264 -8.37 2.12 37.48
C ASP B 264 -8.84 1.80 36.05
N ALA B 265 -8.68 2.75 35.14
CA ALA B 265 -8.94 2.52 33.72
C ALA B 265 -8.20 1.29 33.17
N LEU B 266 -6.92 1.15 33.53
CA LEU B 266 -6.12 -0.03 33.14
C LEU B 266 -6.72 -1.33 33.66
N THR B 267 -6.99 -1.40 34.98
CA THR B 267 -7.57 -2.60 35.60
C THR B 267 -8.98 -2.94 35.04
N HIS B 268 -9.75 -1.89 34.75
CA HIS B 268 -11.07 -2.06 34.14
C HIS B 268 -10.95 -2.75 32.78
N GLN B 269 -10.07 -2.22 31.94
CA GLN B 269 -9.80 -2.82 30.62
C GLN B 269 -9.39 -4.28 30.72
N LEU B 270 -8.47 -4.58 31.64
CA LEU B 270 -8.05 -5.96 31.88
C LEU B 270 -9.16 -6.91 32.34
N ALA B 271 -10.11 -6.39 33.13
CA ALA B 271 -11.26 -7.16 33.60
C ALA B 271 -12.23 -7.51 32.48
N GLU B 272 -12.53 -6.51 31.65
CA GLU B 272 -13.30 -6.66 30.41
C GLU B 272 -12.73 -7.72 29.45
N GLY B 273 -11.42 -7.69 29.23
CA GLY B 273 -10.74 -8.71 28.40
C GLY B 273 -10.91 -10.13 28.92
N SER B 274 -10.82 -10.31 30.24
CA SER B 274 -11.03 -11.62 30.86
C SER B 274 -12.50 -12.05 30.79
N ALA B 275 -13.40 -11.07 30.95
CA ALA B 275 -14.84 -11.29 30.78
C ALA B 275 -15.20 -11.68 29.34
N VAL B 276 -14.44 -11.16 28.37
CA VAL B 276 -14.57 -11.57 26.98
C VAL B 276 -14.03 -13.00 26.74
N LEU B 277 -12.84 -13.29 27.29
CA LEU B 277 -12.25 -14.63 27.22
C LEU B 277 -13.11 -15.70 27.88
N GLU B 278 -13.85 -15.29 28.91
CA GLU B 278 -14.86 -16.13 29.55
C GLU B 278 -15.88 -16.64 28.52
N LYS B 279 -16.47 -15.71 27.77
CA LYS B 279 -17.51 -16.02 26.78
C LYS B 279 -17.05 -17.00 25.69
N ILE B 280 -15.81 -16.84 25.23
CA ILE B 280 -15.26 -17.69 24.17
C ILE B 280 -15.10 -19.15 24.62
N LYS B 281 -14.73 -19.35 25.88
CA LYS B 281 -14.69 -20.71 26.44
C LYS B 281 -16.10 -21.29 26.60
N ALA B 282 -17.05 -20.44 26.96
CA ALA B 282 -18.45 -20.83 27.10
C ALA B 282 -19.12 -21.18 25.77
N ASN B 283 -18.67 -20.56 24.68
CA ASN B 283 -19.27 -20.76 23.36
C ASN B 283 -18.48 -21.67 22.43
N VAL B 284 -17.20 -21.86 22.73
CA VAL B 284 -16.34 -22.84 22.04
C VAL B 284 -15.69 -23.71 23.12
N PRO B 285 -16.05 -25.02 23.15
CA PRO B 285 -15.53 -25.91 24.20
C PRO B 285 -14.05 -26.30 24.02
N ASN B 286 -13.57 -26.23 22.78
CA ASN B 286 -12.18 -26.53 22.44
C ASN B 286 -11.19 -25.40 22.82
N PHE B 287 -11.74 -24.23 23.17
CA PHE B 287 -10.95 -23.02 23.34
C PHE B 287 -10.03 -23.02 24.56
N SER B 288 -8.76 -22.68 24.32
CA SER B 288 -7.76 -22.56 25.38
C SER B 288 -7.27 -21.12 25.52
N GLU B 289 -7.61 -20.51 26.65
CA GLU B 289 -7.35 -19.09 26.86
C GLU B 289 -5.99 -18.75 27.47
N GLU B 290 -5.17 -19.76 27.74
CA GLU B 290 -3.98 -19.58 28.61
C GLU B 290 -2.95 -18.54 28.13
N HIS B 291 -2.57 -18.57 26.84
CA HIS B 291 -1.59 -17.61 26.32
C HIS B 291 -2.20 -16.20 26.17
N LEU B 292 -3.43 -16.11 25.64
CA LEU B 292 -4.12 -14.80 25.54
C LEU B 292 -4.33 -14.17 26.91
N ALA B 293 -4.78 -14.98 27.89
CA ALA B 293 -4.90 -14.51 29.29
C ALA B 293 -3.57 -14.05 29.87
N ASN B 294 -2.48 -14.73 29.51
CA ASN B 294 -1.14 -14.33 29.98
C ASN B 294 -0.71 -12.98 29.39
N LEU B 295 -0.81 -12.85 28.07
CA LEU B 295 -0.50 -11.58 27.38
C LEU B 295 -1.33 -10.41 27.93
N LEU B 296 -2.60 -10.68 28.20
CA LEU B 296 -3.48 -9.67 28.78
C LEU B 296 -3.03 -9.30 30.21
N THR B 297 -2.82 -10.31 31.05
CA THR B 297 -2.30 -10.16 32.43
C THR B 297 -1.02 -9.34 32.52
N GLN B 298 -0.10 -9.58 31.59
CA GLN B 298 1.19 -8.89 31.56
C GLN B 298 1.12 -7.37 31.45
N LEU B 299 -0.05 -6.84 31.12
CA LEU B 299 -0.21 -5.38 30.99
C LEU B 299 -0.46 -4.66 32.33
N GLN B 300 -0.72 -5.42 33.40
CA GLN B 300 -0.81 -4.88 34.77
C GLN B 300 0.52 -4.35 35.31
N LEU B 301 0.44 -3.55 36.37
CA LEU B 301 1.62 -2.98 37.04
C LEU B 301 1.84 -3.60 38.43
#